data_5WN1
#
_entry.id   5WN1
#
_cell.length_a   71.869
_cell.length_b   63.528
_cell.length_c   90.548
_cell.angle_alpha   90.000
_cell.angle_beta   109.430
_cell.angle_gamma   90.000
#
_symmetry.space_group_name_H-M   'P 1 21 1'
#
loop_
_entity.id
_entity.type
_entity.pdbx_description
1 polymer 'DNA-(apurinic or apyrimidinic site) lyase'
2 polymer "DNA (5'-D(P*TP*CP*GP*AP*CP*GP*GP*AP*TP*CP*C)-3')"
3 polymer "DNA (5'-D(*GP*CP*TP*GP*AP*TP*GP*CP*G)-3')"
4 polymer "DNA (5'-D(*GP*GP*AP*TP*CP*CP*GP*TP*CP*GP*AP*TP*CP*GP*CP*AP*TP*CP*AP*GP*C)-3')"
5 non-polymer 'CHLORIDE ION'
6 non-polymer 'SODIUM ION'
7 non-polymer 'CALCIUM ION'
8 water water
#
loop_
_entity_poly.entity_id
_entity_poly.type
_entity_poly.pdbx_seq_one_letter_code
_entity_poly.pdbx_strand_id
1 'polypeptide(L)'
;ALYEDPPDQKTSPSGKPATLKICSWNVDGLRAWIKKKGLDWVKEEAPDILCLQETKCSENKLPAELQELPGLSHQYWSAP
SDKEGYSGVGLLSRQAPLKVSYGIGDEEHDQEGRVIVAEFDSFVLVTAYVPNAGRGLVRLEYRQRWDEAFRKFLKGLASR
KPLVLCGDLNVAHEEIDLRNPKGNKKNAGFTPQERQGFGELLQAVPLADSFRHLYPNTPYAYTFWTYMMNARSKNVGWRL
DYFLLSHSLLPALCDSKIRSKALGSDHCPITLYLAL
;
A,B
2 'polydeoxyribonucleotide' (DT)(DC)(DG)(DA)(DC)(DG)(DG)(DA)(DT)(DC)(DC) C
3 'polydeoxyribonucleotide' (DG)(DC)(DT)(DG)(DA)(DT)(DG)(DC)(DG) D
4 'polydeoxyribonucleotide'
;(DG)(DG)(DA)(DT)(DC)(DC)(DG)(DT)(DC)(DG)(DA)(DT)(DC)(DG)(DC)(DA)(DT)(DC)(DA)(DG)
(DC)
;
E
#
# COMPACT_ATOMS: atom_id res chain seq x y z
N ALA A 1 11.95 30.04 -6.33
CA ALA A 1 11.82 30.39 -4.92
C ALA A 1 12.70 29.43 -4.10
N LEU A 2 13.01 29.80 -2.87
CA LEU A 2 13.74 28.90 -2.01
C LEU A 2 12.77 28.04 -1.21
N TYR A 3 13.33 27.06 -0.50
CA TYR A 3 12.55 26.02 0.14
C TYR A 3 13.16 25.69 1.48
N GLU A 4 12.33 25.65 2.52
CA GLU A 4 12.75 25.28 3.88
C GLU A 4 12.01 24.00 4.26
N ASP A 5 12.78 22.91 4.31
CA ASP A 5 12.32 21.65 4.83
C ASP A 5 11.79 21.83 6.26
N PRO A 6 10.61 21.32 6.57
CA PRO A 6 10.02 21.50 7.93
C PRO A 6 10.68 20.61 8.97
N PRO A 7 10.45 20.88 10.25
CA PRO A 7 11.22 20.19 11.29
C PRO A 7 10.96 18.68 11.28
N ASP A 8 11.94 17.93 11.77
CA ASP A 8 11.83 16.48 11.75
C ASP A 8 10.61 16.04 12.54
N GLN A 9 9.73 15.24 11.89
CA GLN A 9 8.59 14.60 12.54
C GLN A 9 8.99 13.17 12.91
N LYS A 10 9.18 12.92 14.20
CA LYS A 10 9.73 11.66 14.68
C LYS A 10 8.69 10.75 15.34
N THR A 11 7.39 11.03 15.16
CA THR A 11 6.34 10.19 15.72
C THR A 11 5.43 9.69 14.59
N SER A 12 5.16 8.38 14.57
CA SER A 12 4.26 7.87 13.55
C SER A 12 2.85 8.44 13.74
N PRO A 13 2.01 8.39 12.70
CA PRO A 13 0.63 8.92 12.84
C PRO A 13 -0.21 8.13 13.85
N SER A 14 0.33 7.05 14.41
CA SER A 14 -0.33 6.31 15.47
C SER A 14 0.40 6.47 16.80
N GLY A 15 1.17 7.52 16.97
CA GLY A 15 1.83 7.78 18.23
C GLY A 15 3.05 6.93 18.53
N LYS A 16 3.51 6.05 17.58
CA LYS A 16 4.70 5.27 17.91
C LYS A 16 5.97 6.02 17.53
N PRO A 17 7.02 5.97 18.36
CA PRO A 17 8.25 6.71 18.05
C PRO A 17 9.07 6.05 16.94
N ALA A 18 9.77 6.89 16.17
CA ALA A 18 10.63 6.36 15.13
C ALA A 18 11.79 5.55 15.74
N THR A 19 12.04 4.39 15.15
CA THR A 19 13.13 3.52 15.57
C THR A 19 14.19 3.30 14.49
N LEU A 20 14.05 3.91 13.33
CA LEU A 20 15.06 3.71 12.29
C LEU A 20 15.19 5.00 11.48
N LYS A 21 16.44 5.38 11.23
CA LYS A 21 16.81 6.56 10.48
C LYS A 21 17.70 6.08 9.35
N ILE A 22 17.20 6.19 8.12
CA ILE A 22 17.99 5.85 6.93
C ILE A 22 18.32 7.15 6.22
N CYS A 23 19.61 7.33 5.87
CA CYS A 23 20.10 8.49 5.15
C CYS A 23 20.71 8.05 3.84
N SER A 24 20.26 8.66 2.74
CA SER A 24 20.78 8.37 1.40
C SER A 24 21.46 9.61 0.84
N TRP A 25 22.50 9.42 0.00
CA TRP A 25 23.28 10.57 -0.46
C TRP A 25 24.15 10.19 -1.67
N ASN A 26 23.86 10.77 -2.83
CA ASN A 26 24.78 10.68 -3.97
C ASN A 26 25.96 11.62 -3.69
N VAL A 27 27.13 11.04 -3.41
CA VAL A 27 28.27 11.85 -3.00
C VAL A 27 29.12 12.34 -4.17
N ASP A 28 28.99 11.71 -5.35
CA ASP A 28 29.64 12.17 -6.57
C ASP A 28 31.15 12.24 -6.35
N GLY A 29 31.72 11.06 -6.09
CA GLY A 29 33.13 10.95 -5.74
C GLY A 29 33.34 10.90 -4.24
N LEU A 30 33.32 9.69 -3.69
CA LEU A 30 33.51 9.46 -2.27
C LEU A 30 34.75 10.20 -1.72
N ARG A 31 35.89 10.10 -2.42
CA ARG A 31 37.15 10.67 -1.91
C ARG A 31 37.09 12.19 -1.81
N ALA A 32 36.63 12.86 -2.86
CA ALA A 32 36.36 14.30 -2.79
C ALA A 32 35.32 14.68 -1.73
N TRP A 33 34.23 13.91 -1.60
CA TRP A 33 33.20 14.24 -0.62
C TRP A 33 33.74 14.18 0.81
N ILE A 34 34.53 13.14 1.12
CA ILE A 34 35.28 13.06 2.39
C ILE A 34 36.07 14.34 2.65
N LYS A 35 36.82 14.83 1.64
CA LYS A 35 37.62 16.04 1.86
C LYS A 35 36.75 17.28 2.07
N LYS A 36 35.53 17.30 1.51
CA LYS A 36 34.62 18.41 1.73
C LYS A 36 33.79 18.23 3.00
N LYS A 37 34.20 17.29 3.87
CA LYS A 37 33.67 17.14 5.24
C LYS A 37 32.31 16.46 5.29
N GLY A 38 32.01 15.62 4.29
CA GLY A 38 30.70 14.97 4.25
C GLY A 38 30.51 13.94 5.34
N LEU A 39 31.60 13.30 5.79
CA LEU A 39 31.49 12.38 6.91
C LEU A 39 31.25 13.10 8.22
N ASP A 40 31.81 14.30 8.37
CA ASP A 40 31.47 15.14 9.52
C ASP A 40 29.96 15.33 9.63
N TRP A 41 29.29 15.59 8.50
CA TRP A 41 27.84 15.74 8.53
C TRP A 41 27.15 14.42 8.88
N VAL A 42 27.65 13.29 8.35
CA VAL A 42 27.06 11.98 8.64
C VAL A 42 27.15 11.66 10.12
N LYS A 43 28.29 12.01 10.73
CA LYS A 43 28.50 11.79 12.16
C LYS A 43 27.44 12.53 12.98
N GLU A 44 27.17 13.79 12.64
CA GLU A 44 26.15 14.56 13.34
C GLU A 44 24.74 14.01 13.09
N GLU A 45 24.44 13.66 11.83
CA GLU A 45 23.10 13.16 11.53
C GLU A 45 22.86 11.80 12.17
N ALA A 46 23.92 11.06 12.46
CA ALA A 46 23.88 9.77 13.16
C ALA A 46 22.77 8.81 12.70
N PRO A 47 22.81 8.35 11.45
CA PRO A 47 21.82 7.39 10.98
C PRO A 47 22.18 5.95 11.32
N ASP A 48 21.16 5.08 11.24
CA ASP A 48 21.38 3.64 11.42
C ASP A 48 21.85 2.96 10.16
N ILE A 49 21.47 3.48 9.00
CA ILE A 49 21.95 2.96 7.72
C ILE A 49 22.29 4.18 6.85
N LEU A 50 23.47 4.14 6.21
CA LEU A 50 23.90 5.14 5.25
C LEU A 50 23.99 4.49 3.87
N CYS A 51 23.36 5.11 2.88
CA CYS A 51 23.42 4.67 1.50
C CYS A 51 24.05 5.80 0.67
N LEU A 52 25.14 5.47 -0.01
CA LEU A 52 25.88 6.44 -0.80
C LEU A 52 25.85 5.97 -2.24
N GLN A 53 25.70 6.92 -3.15
CA GLN A 53 25.70 6.61 -4.56
C GLN A 53 26.79 7.39 -5.27
N GLU A 54 27.16 6.89 -6.46
CA GLU A 54 28.17 7.49 -7.33
C GLU A 54 29.48 7.71 -6.57
N THR A 55 30.09 6.58 -6.26
CA THR A 55 31.20 6.61 -5.35
C THR A 55 32.55 6.83 -6.07
N LYS A 56 32.67 6.37 -7.32
CA LYS A 56 33.85 6.65 -8.13
C LYS A 56 35.14 6.23 -7.40
N CYS A 57 35.14 5.02 -6.85
CA CYS A 57 36.24 4.55 -6.02
C CYS A 57 36.21 3.04 -5.96
N SER A 58 37.28 2.39 -6.38
CA SER A 58 37.37 0.94 -6.19
C SER A 58 37.63 0.64 -4.71
N GLU A 59 37.27 -0.58 -4.29
CA GLU A 59 37.35 -0.88 -2.86
C GLU A 59 38.79 -0.91 -2.37
N ASN A 60 39.74 -1.32 -3.20
CA ASN A 60 41.14 -1.32 -2.79
C ASN A 60 41.69 0.09 -2.58
N LYS A 61 40.96 1.14 -2.96
CA LYS A 61 41.35 2.52 -2.72
C LYS A 61 40.44 3.24 -1.71
N LEU A 62 39.65 2.49 -0.92
CA LEU A 62 38.66 3.11 -0.03
C LEU A 62 39.35 3.91 1.06
N PRO A 63 38.95 5.16 1.26
CA PRO A 63 39.70 6.05 2.17
C PRO A 63 39.70 5.53 3.61
N ALA A 64 40.73 5.95 4.35
CA ALA A 64 40.92 5.43 5.70
C ALA A 64 39.89 5.95 6.67
N GLU A 65 39.30 7.12 6.40
CA GLU A 65 38.27 7.65 7.29
C GLU A 65 37.06 6.72 7.42
N LEU A 66 36.83 5.83 6.46
CA LEU A 66 35.68 4.94 6.61
C LEU A 66 35.88 3.94 7.74
N GLN A 67 37.10 3.81 8.24
CA GLN A 67 37.43 3.02 9.40
C GLN A 67 37.18 3.77 10.72
N GLU A 68 36.75 5.03 10.68
CA GLU A 68 36.49 5.81 11.88
C GLU A 68 34.99 6.10 12.05
N LEU A 69 34.15 5.11 11.73
CA LEU A 69 32.69 5.23 11.84
C LEU A 69 32.20 4.10 12.73
N PRO A 70 32.26 4.28 14.05
CA PRO A 70 31.87 3.18 14.96
C PRO A 70 30.41 2.77 14.83
N GLY A 71 29.49 3.75 14.72
CA GLY A 71 28.07 3.47 14.58
C GLY A 71 27.66 2.96 13.22
N LEU A 72 28.60 2.72 12.30
CA LEU A 72 28.30 2.24 10.95
C LEU A 72 29.34 1.19 10.52
N SER A 73 29.57 0.20 11.39
CA SER A 73 30.72 -0.69 11.23
C SER A 73 30.53 -1.75 10.14
N HIS A 74 29.33 -1.99 9.67
CA HIS A 74 29.10 -3.02 8.66
C HIS A 74 28.96 -2.35 7.29
N GLN A 75 29.94 -2.58 6.43
CA GLN A 75 30.06 -1.84 5.18
C GLN A 75 30.17 -2.79 4.00
N TYR A 76 29.48 -2.45 2.92
CA TYR A 76 29.33 -3.29 1.75
C TYR A 76 29.48 -2.41 0.51
N TRP A 77 30.24 -2.87 -0.48
CA TRP A 77 30.53 -2.01 -1.64
C TRP A 77 30.35 -2.78 -2.93
N SER A 78 29.92 -2.07 -3.96
CA SER A 78 29.76 -2.62 -5.29
C SER A 78 30.40 -1.65 -6.28
N ALA A 79 31.55 -2.04 -6.86
CA ALA A 79 32.23 -1.29 -7.91
C ALA A 79 31.89 -1.88 -9.27
N PRO A 80 32.03 -1.12 -10.34
CA PRO A 80 31.92 -1.72 -11.68
C PRO A 80 33.12 -2.62 -11.96
N SER A 81 32.97 -3.46 -12.98
CA SER A 81 34.04 -4.39 -13.36
C SER A 81 35.00 -3.75 -14.36
N ASP A 82 34.48 -3.06 -15.36
CA ASP A 82 35.33 -2.47 -16.38
C ASP A 82 35.77 -1.06 -16.02
N LYS A 83 34.81 -0.14 -15.81
CA LYS A 83 35.14 1.27 -15.76
C LYS A 83 35.72 1.70 -14.40
N GLU A 84 36.60 2.72 -14.44
CA GLU A 84 37.24 3.31 -13.27
C GLU A 84 36.64 4.66 -12.93
N GLY A 85 36.73 5.06 -11.64
CA GLY A 85 36.12 6.30 -11.20
C GLY A 85 34.77 6.57 -11.84
N TYR A 86 33.87 5.56 -11.76
CA TYR A 86 32.59 5.55 -12.46
C TYR A 86 31.59 4.78 -11.61
N SER A 87 30.38 5.33 -11.46
CA SER A 87 29.34 4.75 -10.61
CA SER A 87 29.33 4.79 -10.60
C SER A 87 29.88 4.28 -9.27
N GLY A 88 29.45 3.11 -8.83
CA GLY A 88 29.80 2.64 -7.51
C GLY A 88 28.85 3.10 -6.42
N VAL A 89 28.46 2.18 -5.53
CA VAL A 89 27.54 2.51 -4.44
C VAL A 89 28.01 1.82 -3.17
N GLY A 90 27.53 2.33 -2.04
CA GLY A 90 27.88 1.78 -0.75
C GLY A 90 26.70 1.75 0.18
N LEU A 91 26.68 0.74 1.05
CA LEU A 91 25.64 0.57 2.07
C LEU A 91 26.33 0.25 3.39
N LEU A 92 26.15 1.15 4.37
CA LEU A 92 26.75 1.03 5.70
C LEU A 92 25.63 0.93 6.72
N SER A 93 25.74 0.00 7.67
CA SER A 93 24.68 -0.19 8.64
CA SER A 93 24.69 -0.18 8.65
C SER A 93 25.27 -0.41 10.03
N ARG A 94 24.60 0.14 11.05
CA ARG A 94 25.00 -0.04 12.45
C ARG A 94 24.95 -1.52 12.85
N GLN A 95 23.85 -2.20 12.52
CA GLN A 95 23.73 -3.62 12.74
C GLN A 95 23.94 -4.37 11.45
N ALA A 96 24.38 -5.61 11.58
CA ALA A 96 24.61 -6.46 10.41
C ALA A 96 23.29 -6.90 9.79
N PRO A 97 23.10 -6.72 8.48
CA PRO A 97 21.90 -7.28 7.85
C PRO A 97 21.96 -8.81 7.83
N LEU A 98 20.80 -9.44 7.62
CA LEU A 98 20.76 -10.89 7.56
C LEU A 98 21.44 -11.42 6.29
N LYS A 99 21.19 -10.79 5.15
CA LYS A 99 21.75 -11.25 3.90
C LYS A 99 22.03 -10.03 3.02
N VAL A 100 23.13 -10.08 2.26
CA VAL A 100 23.49 -9.02 1.32
C VAL A 100 23.78 -9.61 -0.04
N SER A 101 23.17 -9.02 -1.09
CA SER A 101 23.39 -9.39 -2.49
C SER A 101 23.69 -8.12 -3.31
N TYR A 102 24.05 -8.31 -4.58
CA TYR A 102 24.48 -7.20 -5.42
C TYR A 102 23.78 -7.30 -6.76
N GLY A 103 23.44 -6.16 -7.34
CA GLY A 103 22.75 -6.18 -8.63
C GLY A 103 21.31 -6.69 -8.54
N ILE A 104 20.72 -6.87 -9.72
CA ILE A 104 19.29 -7.17 -9.83
C ILE A 104 19.03 -8.52 -10.50
N GLY A 105 20.01 -9.41 -10.55
CA GLY A 105 19.74 -10.72 -11.10
C GLY A 105 19.62 -10.74 -12.62
N ASP A 106 20.37 -9.89 -13.31
CA ASP A 106 20.34 -9.82 -14.76
C ASP A 106 21.72 -9.37 -15.23
N GLU A 107 22.40 -10.21 -16.02
CA GLU A 107 23.81 -10.00 -16.33
C GLU A 107 24.06 -8.66 -17.03
N GLU A 108 23.17 -8.29 -17.97
CA GLU A 108 23.32 -7.01 -18.70
C GLU A 108 23.41 -5.81 -17.76
N HIS A 109 22.75 -5.86 -16.61
CA HIS A 109 22.65 -4.69 -15.74
C HIS A 109 23.46 -4.78 -14.45
N ASP A 110 24.20 -5.84 -14.20
CA ASP A 110 24.97 -5.98 -12.97
C ASP A 110 26.45 -5.64 -13.14
N GLN A 111 26.83 -5.05 -14.26
CA GLN A 111 28.24 -4.83 -14.56
C GLN A 111 28.79 -3.50 -14.07
N GLU A 112 27.94 -2.58 -13.61
CA GLU A 112 28.34 -1.19 -13.34
C GLU A 112 28.31 -0.80 -11.86
N GLY A 113 28.08 -1.74 -10.94
CA GLY A 113 28.09 -1.44 -9.52
C GLY A 113 27.06 -0.41 -9.10
N ARG A 114 25.78 -0.70 -9.34
CA ARG A 114 24.71 0.27 -9.10
C ARG A 114 23.69 -0.14 -8.02
N VAL A 115 23.56 -1.42 -7.68
CA VAL A 115 22.52 -1.88 -6.77
C VAL A 115 23.14 -2.72 -5.65
N ILE A 116 22.79 -2.41 -4.40
CA ILE A 116 23.08 -3.26 -3.25
C ILE A 116 21.74 -3.58 -2.59
N VAL A 117 21.57 -4.82 -2.15
CA VAL A 117 20.36 -5.26 -1.45
C VAL A 117 20.74 -5.81 -0.09
N ALA A 118 20.12 -5.28 0.95
CA ALA A 118 20.31 -5.77 2.31
C ALA A 118 18.95 -6.18 2.89
N GLU A 119 18.87 -7.40 3.42
CA GLU A 119 17.66 -7.85 4.09
C GLU A 119 17.83 -7.72 5.60
N PHE A 120 16.82 -7.16 6.26
CA PHE A 120 16.75 -7.01 7.72
C PHE A 120 15.57 -7.83 8.23
N ASP A 121 15.33 -7.77 9.55
CA ASP A 121 14.23 -8.54 10.15
C ASP A 121 12.91 -8.22 9.47
N SER A 122 12.56 -6.93 9.42
CA SER A 122 11.24 -6.47 9.07
C SER A 122 11.11 -5.96 7.65
N PHE A 123 12.20 -5.86 6.90
CA PHE A 123 12.12 -5.24 5.59
C PHE A 123 13.40 -5.51 4.81
N VAL A 124 13.30 -5.32 3.50
CA VAL A 124 14.45 -5.37 2.62
C VAL A 124 14.67 -3.96 2.08
N LEU A 125 15.94 -3.56 2.01
CA LEU A 125 16.35 -2.23 1.58
C LEU A 125 17.21 -2.37 0.34
N VAL A 126 16.88 -1.62 -0.70
CA VAL A 126 17.59 -1.59 -1.96
C VAL A 126 18.12 -0.18 -2.09
N THR A 127 19.42 -0.04 -2.29
CA THR A 127 19.96 1.25 -2.64
C THR A 127 20.39 1.21 -4.09
N ALA A 128 20.16 2.29 -4.80
CA ALA A 128 20.24 2.24 -6.25
C ALA A 128 20.86 3.51 -6.83
N TYR A 129 21.64 3.35 -7.89
CA TYR A 129 22.16 4.47 -8.67
C TYR A 129 21.80 4.20 -10.12
N VAL A 130 20.61 4.66 -10.54
CA VAL A 130 19.99 4.30 -11.81
C VAL A 130 20.75 4.94 -12.96
N PRO A 131 20.97 4.26 -14.09
CA PRO A 131 21.73 4.87 -15.18
C PRO A 131 21.08 6.13 -15.74
N ASN A 132 21.83 7.24 -15.68
CA ASN A 132 21.49 8.47 -16.37
C ASN A 132 21.30 8.19 -17.85
N ALA A 133 20.37 8.92 -18.47
CA ALA A 133 20.04 8.70 -19.87
C ALA A 133 21.05 9.35 -20.80
N GLY A 134 21.89 10.25 -20.28
CA GLY A 134 23.09 10.72 -20.96
C GLY A 134 22.86 11.97 -21.78
N ARG A 135 23.94 12.74 -21.90
CA ARG A 135 23.99 13.83 -22.86
C ARG A 135 23.56 13.34 -24.24
N GLY A 136 22.59 14.06 -24.82
CA GLY A 136 22.01 13.68 -26.09
C GLY A 136 21.19 12.43 -26.06
N LEU A 137 20.70 12.03 -24.89
CA LEU A 137 19.87 10.84 -24.74
C LEU A 137 20.50 9.58 -25.37
N VAL A 138 21.84 9.49 -25.43
CA VAL A 138 22.43 8.34 -26.12
C VAL A 138 22.50 7.11 -25.23
N ARG A 139 21.99 7.19 -24.00
CA ARG A 139 21.74 6.01 -23.20
C ARG A 139 20.26 5.78 -22.92
N LEU A 140 19.38 6.67 -23.41
CA LEU A 140 17.96 6.54 -23.10
C LEU A 140 17.43 5.16 -23.48
N GLU A 141 17.93 4.59 -24.58
CA GLU A 141 17.46 3.27 -25.00
C GLU A 141 17.82 2.22 -23.95
N TYR A 142 19.08 2.24 -23.48
CA TYR A 142 19.49 1.34 -22.41
C TYR A 142 18.68 1.58 -21.13
N ARG A 143 18.45 2.85 -20.77
CA ARG A 143 17.76 3.18 -19.53
C ARG A 143 16.36 2.58 -19.47
N GLN A 144 15.66 2.53 -20.61
CA GLN A 144 14.36 1.86 -20.65
C GLN A 144 14.51 0.37 -20.41
N ARG A 145 15.56 -0.22 -20.96
CA ARG A 145 15.86 -1.63 -20.65
C ARG A 145 16.16 -1.79 -19.17
N TRP A 146 16.86 -0.83 -18.57
CA TRP A 146 17.09 -0.88 -17.13
C TRP A 146 15.77 -0.79 -16.38
N ASP A 147 14.96 0.23 -16.68
CA ASP A 147 13.73 0.46 -15.93
C ASP A 147 12.88 -0.79 -15.94
N GLU A 148 12.76 -1.44 -17.09
CA GLU A 148 11.99 -2.67 -17.19
C GLU A 148 12.57 -3.76 -16.32
N ALA A 149 13.88 -4.03 -16.41
CA ALA A 149 14.44 -5.10 -15.60
C ALA A 149 14.33 -4.79 -14.11
N PHE A 150 14.63 -3.55 -13.73
CA PHE A 150 14.60 -3.15 -12.32
C PHE A 150 13.18 -3.24 -11.73
N ARG A 151 12.17 -2.79 -12.47
CA ARG A 151 10.79 -2.84 -11.99
C ARG A 151 10.39 -4.28 -11.65
N LYS A 152 10.63 -5.22 -12.59
CA LYS A 152 10.30 -6.62 -12.31
C LYS A 152 11.00 -7.09 -11.04
N PHE A 153 12.32 -6.92 -11.00
CA PHE A 153 13.11 -7.41 -9.87
C PHE A 153 12.55 -6.92 -8.54
N LEU A 154 12.23 -5.62 -8.45
CA LEU A 154 11.72 -5.07 -7.21
C LEU A 154 10.37 -5.67 -6.84
N LYS A 155 9.52 -5.94 -7.84
CA LYS A 155 8.23 -6.55 -7.54
C LYS A 155 8.39 -7.92 -6.89
N GLY A 156 9.32 -8.73 -7.44
CA GLY A 156 9.64 -10.00 -6.80
C GLY A 156 10.04 -9.82 -5.35
N LEU A 157 10.87 -8.81 -5.06
CA LEU A 157 11.29 -8.57 -3.69
C LEU A 157 10.12 -8.15 -2.79
N ALA A 158 9.37 -7.12 -3.21
CA ALA A 158 8.28 -6.58 -2.41
C ALA A 158 7.18 -7.59 -2.16
N SER A 159 7.10 -8.64 -3.01
CA SER A 159 6.15 -9.71 -2.74
C SER A 159 6.59 -10.62 -1.59
N ARG A 160 7.84 -10.56 -1.16
CA ARG A 160 8.30 -11.37 -0.03
C ARG A 160 8.27 -10.62 1.30
N LYS A 161 8.73 -9.37 1.32
CA LYS A 161 8.86 -8.56 2.54
C LYS A 161 8.66 -7.10 2.16
N PRO A 162 8.22 -6.25 3.11
CA PRO A 162 8.09 -4.81 2.80
C PRO A 162 9.41 -4.19 2.37
N LEU A 163 9.35 -3.42 1.30
CA LEU A 163 10.53 -2.95 0.62
C LEU A 163 10.67 -1.44 0.81
N VAL A 164 11.91 -1.03 1.10
CA VAL A 164 12.35 0.37 0.99
C VAL A 164 13.38 0.46 -0.11
N LEU A 165 13.13 1.33 -1.08
CA LEU A 165 14.10 1.66 -2.11
C LEU A 165 14.59 3.10 -1.92
N CYS A 166 15.89 3.27 -1.77
CA CYS A 166 16.45 4.60 -1.64
C CYS A 166 17.52 4.85 -2.67
N GLY A 167 17.60 6.09 -3.11
CA GLY A 167 18.78 6.50 -3.84
C GLY A 167 18.41 7.40 -4.98
N ASP A 168 19.40 7.55 -5.86
CA ASP A 168 19.38 8.45 -7.01
C ASP A 168 18.74 7.70 -8.16
N LEU A 169 17.49 8.01 -8.43
CA LEU A 169 16.71 7.31 -9.45
C LEU A 169 16.76 8.04 -10.79
N ASN A 170 17.47 9.18 -10.86
CA ASN A 170 17.74 9.88 -12.10
C ASN A 170 16.48 10.13 -12.94
N VAL A 171 15.45 10.69 -12.29
CA VAL A 171 14.29 11.21 -13.02
C VAL A 171 13.48 12.11 -12.08
N ALA A 172 12.93 13.20 -12.63
CA ALA A 172 12.00 14.06 -11.90
C ALA A 172 10.59 13.66 -12.35
N HIS A 173 9.82 13.06 -11.44
CA HIS A 173 8.58 12.38 -11.83
C HIS A 173 7.57 13.35 -12.46
N GLU A 174 7.18 14.39 -11.73
CA GLU A 174 6.25 15.37 -12.25
C GLU A 174 6.91 16.74 -12.41
N GLU A 175 6.17 17.63 -13.09
CA GLU A 175 6.61 19.01 -13.28
C GLU A 175 6.97 19.67 -11.96
N ILE A 176 6.19 19.40 -10.91
CA ILE A 176 6.52 19.93 -9.59
C ILE A 176 7.92 19.49 -9.10
N ASP A 177 8.51 18.46 -9.70
CA ASP A 177 9.75 17.88 -9.17
C ASP A 177 11.02 18.49 -9.79
N LEU A 178 10.91 19.61 -10.50
CA LEU A 178 12.07 20.32 -11.01
C LEU A 178 11.66 21.75 -11.34
N ARG A 179 12.65 22.64 -11.37
CA ARG A 179 12.37 24.07 -11.51
C ARG A 179 12.03 24.50 -12.96
N ASN A 180 12.63 23.86 -13.99
CA ASN A 180 12.30 24.21 -15.37
C ASN A 180 11.82 22.98 -16.11
N PRO A 181 10.58 22.55 -15.86
CA PRO A 181 10.04 21.42 -16.64
C PRO A 181 9.84 21.76 -18.09
N LYS A 182 9.35 22.97 -18.42
CA LYS A 182 9.02 23.29 -19.80
C LYS A 182 10.21 23.08 -20.71
N GLY A 183 11.37 23.60 -20.32
CA GLY A 183 12.56 23.50 -21.15
C GLY A 183 13.38 22.22 -21.04
N ASN A 184 13.01 21.26 -20.18
CA ASN A 184 13.82 20.06 -20.02
C ASN A 184 13.13 18.80 -20.52
N LYS A 185 12.00 18.95 -21.22
CA LYS A 185 11.19 17.81 -21.66
C LYS A 185 11.93 16.86 -22.59
N LYS A 186 13.08 17.26 -23.15
CA LYS A 186 13.88 16.37 -24.00
C LYS A 186 15.29 16.13 -23.43
N ASN A 187 15.52 16.45 -22.16
CA ASN A 187 16.79 16.25 -21.48
C ASN A 187 16.73 15.06 -20.54
N ALA A 188 17.90 14.47 -20.28
CA ALA A 188 17.99 13.34 -19.38
C ALA A 188 17.36 13.68 -18.03
N GLY A 189 16.48 12.81 -17.58
CA GLY A 189 15.86 12.98 -16.28
C GLY A 189 14.43 13.47 -16.34
N PHE A 190 13.98 13.95 -17.49
CA PHE A 190 12.62 14.46 -17.58
C PHE A 190 12.00 14.17 -18.94
N THR A 191 12.53 13.19 -19.67
CA THR A 191 11.87 12.73 -20.88
C THR A 191 10.53 12.06 -20.54
N PRO A 192 9.64 11.92 -21.53
CA PRO A 192 8.43 11.12 -21.27
C PRO A 192 8.72 9.68 -20.92
N GLN A 193 9.78 9.08 -21.47
CA GLN A 193 9.99 7.65 -21.23
C GLN A 193 10.47 7.39 -19.81
N GLU A 194 11.29 8.28 -19.24
CA GLU A 194 11.72 8.08 -17.86
C GLU A 194 10.61 8.45 -16.86
N ARG A 195 9.87 9.52 -17.14
CA ARG A 195 8.71 9.85 -16.31
C ARG A 195 7.70 8.70 -16.26
N GLN A 196 7.30 8.17 -17.41
CA GLN A 196 6.37 7.04 -17.42
C GLN A 196 6.95 5.85 -16.69
N GLY A 197 8.22 5.53 -16.95
CA GLY A 197 8.85 4.41 -16.28
C GLY A 197 8.73 4.52 -14.77
N PHE A 198 8.93 5.72 -14.23
CA PHE A 198 8.75 5.95 -12.80
C PHE A 198 7.30 5.71 -12.40
N GLY A 199 6.35 6.28 -13.14
CA GLY A 199 4.95 6.03 -12.85
C GLY A 199 4.62 4.55 -12.89
N GLU A 200 5.17 3.84 -13.89
CA GLU A 200 4.98 2.39 -13.98
C GLU A 200 5.58 1.67 -12.78
N LEU A 201 6.78 2.10 -12.34
CA LEU A 201 7.37 1.48 -11.16
C LEU A 201 6.49 1.69 -9.94
N LEU A 202 5.90 2.89 -9.80
CA LEU A 202 5.03 3.16 -8.67
C LEU A 202 3.76 2.29 -8.73
N GLN A 203 3.16 2.17 -9.91
CA GLN A 203 1.87 1.51 -10.03
C GLN A 203 1.99 -0.03 -10.04
N ALA A 204 3.16 -0.58 -10.36
CA ALA A 204 3.31 -2.01 -10.62
C ALA A 204 3.79 -2.81 -9.41
N VAL A 205 4.63 -2.25 -8.55
CA VAL A 205 5.23 -3.02 -7.47
C VAL A 205 4.22 -3.39 -6.35
N PRO A 206 3.37 -2.44 -5.89
CA PRO A 206 3.34 -0.97 -5.98
C PRO A 206 4.19 -0.37 -4.87
N LEU A 207 4.50 0.93 -5.00
CA LEU A 207 5.33 1.64 -4.04
C LEU A 207 4.82 3.06 -3.99
N ALA A 208 4.92 3.67 -2.82
CA ALA A 208 4.61 5.09 -2.70
C ALA A 208 5.91 5.92 -2.71
N ASP A 209 5.77 7.16 -3.17
CA ASP A 209 6.82 8.18 -3.09
C ASP A 209 6.68 8.84 -1.72
N SER A 210 7.57 8.47 -0.79
CA SER A 210 7.41 8.87 0.61
C SER A 210 7.24 10.38 0.73
N PHE A 211 8.12 11.15 0.10
CA PHE A 211 8.05 12.60 0.24
C PHE A 211 6.71 13.16 -0.26
N ARG A 212 6.21 12.62 -1.38
CA ARG A 212 4.98 13.13 -1.98
C ARG A 212 3.74 12.66 -1.22
N HIS A 213 3.76 11.45 -0.66
CA HIS A 213 2.69 11.08 0.25
C HIS A 213 2.53 12.10 1.37
N LEU A 214 3.62 12.68 1.87
CA LEU A 214 3.50 13.52 3.07
C LEU A 214 3.22 14.98 2.73
N TYR A 215 3.75 15.47 1.63
CA TYR A 215 3.58 16.85 1.21
C TYR A 215 3.20 16.87 -0.27
N PRO A 216 1.99 16.39 -0.60
CA PRO A 216 1.63 16.30 -2.03
C PRO A 216 1.74 17.60 -2.79
N ASN A 217 1.57 18.76 -2.13
CA ASN A 217 1.45 20.01 -2.85
C ASN A 217 2.69 20.91 -2.76
N THR A 218 3.82 20.39 -2.25
CA THR A 218 4.97 21.21 -1.92
C THR A 218 5.89 21.30 -3.13
N PRO A 219 6.03 22.47 -3.75
CA PRO A 219 6.96 22.63 -4.86
C PRO A 219 8.28 23.23 -4.39
N TYR A 220 9.26 23.34 -5.31
CA TYR A 220 10.61 23.85 -5.03
C TYR A 220 11.42 22.96 -4.13
N ALA A 221 11.09 21.67 -4.04
CA ALA A 221 11.80 20.76 -3.14
C ALA A 221 12.66 19.83 -4.00
N TYR A 222 13.98 20.00 -3.89
CA TYR A 222 14.93 19.37 -4.79
C TYR A 222 16.10 18.76 -4.00
N THR A 223 16.77 17.81 -4.66
CA THR A 223 17.93 17.12 -4.10
C THR A 223 19.19 17.21 -4.94
N PHE A 224 19.09 17.74 -6.17
CA PHE A 224 20.22 17.94 -7.06
C PHE A 224 20.13 19.33 -7.67
N TRP A 225 21.29 19.98 -7.86
CA TRP A 225 21.44 21.25 -8.56
C TRP A 225 22.75 21.16 -9.33
N THR A 226 22.75 21.54 -10.60
CA THR A 226 24.00 21.46 -11.35
C THR A 226 25.07 22.34 -10.70
N TYR A 227 26.32 21.87 -10.77
CA TYR A 227 27.45 22.72 -10.35
C TYR A 227 27.52 24.02 -11.16
N MET A 228 27.15 24.01 -12.43
CA MET A 228 27.23 25.19 -13.28
C MET A 228 26.17 26.25 -12.94
N MET A 229 26.42 27.49 -13.42
CA MET A 229 25.48 28.62 -13.42
C MET A 229 24.97 29.00 -12.02
N ASN A 230 25.69 28.61 -10.97
CA ASN A 230 25.30 28.97 -9.61
C ASN A 230 23.88 28.49 -9.27
N ALA A 231 23.51 27.30 -9.78
CA ALA A 231 22.15 26.79 -9.65
C ALA A 231 21.71 26.65 -8.19
N ARG A 232 22.58 26.10 -7.34
CA ARG A 232 22.19 25.79 -5.97
C ARG A 232 21.77 27.02 -5.19
N SER A 233 22.42 28.15 -5.45
CA SER A 233 22.06 29.35 -4.71
C SER A 233 20.77 29.99 -5.20
N LYS A 234 20.34 29.68 -6.42
CA LYS A 234 19.05 30.12 -6.91
C LYS A 234 17.98 29.05 -6.73
N ASN A 235 18.35 27.90 -6.14
CA ASN A 235 17.47 26.76 -6.00
C ASN A 235 16.86 26.36 -7.35
N VAL A 236 17.69 26.36 -8.39
CA VAL A 236 17.30 25.81 -9.69
C VAL A 236 17.74 24.35 -9.68
N GLY A 237 16.82 23.45 -9.26
CA GLY A 237 17.17 22.07 -9.06
C GLY A 237 16.14 21.05 -9.51
N TRP A 238 16.49 19.79 -9.28
CA TRP A 238 15.71 18.63 -9.65
C TRP A 238 15.49 17.79 -8.40
N ARG A 239 14.34 17.13 -8.29
CA ARG A 239 14.14 16.16 -7.22
C ARG A 239 14.44 14.78 -7.83
N LEU A 240 15.61 14.24 -7.52
CA LEU A 240 16.08 13.02 -8.18
C LEU A 240 16.31 11.87 -7.23
N ASP A 241 16.43 12.15 -5.94
CA ASP A 241 16.74 11.16 -4.92
C ASP A 241 15.48 10.88 -4.10
N TYR A 242 15.12 9.61 -3.95
CA TYR A 242 13.84 9.22 -3.40
C TYR A 242 13.97 8.16 -2.33
N PHE A 243 13.05 8.21 -1.35
CA PHE A 243 12.68 7.03 -0.58
C PHE A 243 11.35 6.53 -1.16
N LEU A 244 11.39 5.37 -1.81
CA LEU A 244 10.19 4.67 -2.24
C LEU A 244 9.86 3.57 -1.23
N LEU A 245 8.58 3.51 -0.79
CA LEU A 245 8.13 2.61 0.27
C LEU A 245 7.02 1.68 -0.21
N SER A 246 7.06 0.44 0.25
CA SER A 246 5.88 -0.42 0.18
C SER A 246 4.68 0.24 0.86
N HIS A 247 3.48 0.00 0.32
CA HIS A 247 2.30 0.62 0.95
C HIS A 247 2.13 0.15 2.39
N SER A 248 2.55 -1.07 2.70
CA SER A 248 2.39 -1.60 4.06
C SER A 248 3.33 -0.97 5.07
N LEU A 249 4.34 -0.21 4.64
CA LEU A 249 5.16 0.56 5.58
C LEU A 249 4.66 1.98 5.80
N LEU A 250 3.68 2.43 5.02
CA LEU A 250 3.17 3.79 5.19
C LEU A 250 2.61 4.07 6.58
N PRO A 251 1.86 3.16 7.23
CA PRO A 251 1.49 3.38 8.64
C PRO A 251 2.69 3.58 9.57
N ALA A 252 3.90 3.23 9.13
CA ALA A 252 5.12 3.36 9.94
C ALA A 252 5.90 4.63 9.63
N LEU A 253 5.48 5.38 8.61
CA LEU A 253 6.25 6.51 8.12
C LEU A 253 6.09 7.70 9.06
N CYS A 254 7.21 8.14 9.63
CA CYS A 254 7.17 9.37 10.41
C CYS A 254 7.52 10.60 9.58
N ASP A 255 8.62 10.55 8.82
CA ASP A 255 8.97 11.70 7.99
C ASP A 255 9.97 11.31 6.91
N SER A 256 9.98 12.10 5.85
CA SER A 256 10.93 11.97 4.75
C SER A 256 11.56 13.34 4.52
N LYS A 257 12.87 13.44 4.74
CA LYS A 257 13.53 14.75 4.82
C LYS A 257 14.43 15.00 3.62
N ILE A 258 14.60 16.29 3.31
CA ILE A 258 15.54 16.78 2.31
C ILE A 258 16.51 17.70 3.05
N ARG A 259 17.76 17.24 3.21
CA ARG A 259 18.80 17.96 3.94
C ARG A 259 19.50 18.98 3.03
N SER A 260 18.77 20.05 2.74
CA SER A 260 19.16 21.03 1.73
C SER A 260 20.47 21.74 2.07
N LYS A 261 20.79 21.89 3.36
CA LYS A 261 21.94 22.72 3.70
C LYS A 261 23.26 21.96 3.62
N ALA A 262 23.24 20.63 3.62
CA ALA A 262 24.46 19.82 3.72
C ALA A 262 25.20 19.83 2.39
N LEU A 263 26.41 20.39 2.39
CA LEU A 263 27.24 20.53 1.20
C LEU A 263 28.15 19.30 1.03
N GLY A 264 29.03 19.34 0.03
CA GLY A 264 29.90 18.24 -0.29
C GLY A 264 29.66 17.60 -1.63
N SER A 265 28.58 17.96 -2.31
CA SER A 265 28.19 17.24 -3.53
C SER A 265 27.22 18.12 -4.28
N ASP A 266 26.96 17.79 -5.54
CA ASP A 266 25.88 18.45 -6.24
C ASP A 266 24.52 17.82 -5.93
N HIS A 267 24.48 16.77 -5.12
CA HIS A 267 23.27 16.30 -4.45
C HIS A 267 23.38 16.61 -2.97
N CYS A 268 22.24 16.79 -2.32
CA CYS A 268 22.14 16.83 -0.87
C CYS A 268 21.69 15.49 -0.35
N PRO A 269 21.81 15.23 0.95
CA PRO A 269 21.25 14.01 1.53
C PRO A 269 19.73 14.07 1.66
N ILE A 270 19.09 12.90 1.60
CA ILE A 270 17.72 12.69 2.06
C ILE A 270 17.74 11.70 3.22
N THR A 271 16.82 11.88 4.18
CA THR A 271 16.74 10.90 5.25
C THR A 271 15.29 10.53 5.56
N LEU A 272 15.10 9.25 5.87
CA LEU A 272 13.82 8.64 6.13
C LEU A 272 13.74 8.25 7.61
N TYR A 273 12.61 8.53 8.26
CA TYR A 273 12.32 8.02 9.59
C TYR A 273 11.16 7.03 9.51
N LEU A 274 11.33 5.88 10.15
CA LEU A 274 10.27 4.88 10.22
C LEU A 274 10.12 4.40 11.66
N ALA A 275 8.87 4.17 12.07
CA ALA A 275 8.57 3.53 13.34
C ALA A 275 8.42 2.03 13.10
N LEU A 276 9.52 1.29 13.29
CA LEU A 276 9.43 -0.19 13.28
C LEU A 276 9.80 -0.85 14.62
N TYR B 3 -6.82 -7.05 20.25
CA TYR B 3 -6.43 -6.32 19.04
C TYR B 3 -6.88 -4.87 19.11
N GLU B 4 -6.11 -4.00 18.47
CA GLU B 4 -6.34 -2.55 18.41
C GLU B 4 -6.17 -2.08 16.98
N ASP B 5 -7.28 -1.75 16.34
CA ASP B 5 -7.24 -1.13 15.01
C ASP B 5 -6.46 0.19 15.11
N PRO B 6 -5.47 0.41 14.26
CA PRO B 6 -4.76 1.69 14.30
C PRO B 6 -5.64 2.81 13.81
N PRO B 7 -5.31 4.08 14.13
CA PRO B 7 -6.17 5.21 13.71
C PRO B 7 -6.43 5.23 12.21
N ASP B 8 -7.36 6.08 11.78
CA ASP B 8 -7.80 6.11 10.39
C ASP B 8 -6.81 6.91 9.54
N GLN B 9 -6.15 6.26 8.57
CA GLN B 9 -5.29 6.95 7.60
C GLN B 9 -6.19 7.45 6.47
N LYS B 10 -6.33 8.78 6.34
CA LYS B 10 -7.22 9.34 5.34
C LYS B 10 -6.49 9.95 4.15
N THR B 11 -5.24 9.55 3.93
CA THR B 11 -4.41 10.03 2.81
C THR B 11 -4.03 8.86 1.91
N SER B 12 -4.16 9.03 0.58
CA SER B 12 -3.85 7.97 -0.37
C SER B 12 -2.32 7.78 -0.46
N PRO B 13 -1.84 6.75 -1.15
CA PRO B 13 -0.37 6.58 -1.27
C PRO B 13 0.31 7.77 -1.87
N SER B 14 -0.39 8.55 -2.69
CA SER B 14 0.16 9.71 -3.39
C SER B 14 -0.35 11.04 -2.82
N GLY B 15 -0.69 11.08 -1.52
CA GLY B 15 -1.06 12.33 -0.87
C GLY B 15 -2.49 12.82 -1.08
N LYS B 16 -3.34 12.12 -1.84
CA LYS B 16 -4.69 12.62 -2.14
C LYS B 16 -5.61 12.35 -0.95
N PRO B 17 -6.39 13.35 -0.52
CA PRO B 17 -7.27 13.15 0.65
C PRO B 17 -8.42 12.20 0.33
N ALA B 18 -8.87 11.47 1.36
CA ALA B 18 -10.01 10.57 1.17
C ALA B 18 -11.27 11.37 0.82
N THR B 19 -12.04 10.87 -0.13
CA THR B 19 -13.32 11.48 -0.47
C THR B 19 -14.53 10.60 -0.23
N LEU B 20 -14.35 9.30 -0.07
CA LEU B 20 -15.47 8.37 -0.07
C LEU B 20 -15.25 7.36 1.04
N LYS B 21 -16.27 7.21 1.89
CA LYS B 21 -16.22 6.35 3.06
C LYS B 21 -17.32 5.30 2.95
N ILE B 22 -16.94 4.03 2.85
CA ILE B 22 -17.88 2.92 2.74
C ILE B 22 -17.80 2.06 3.99
N CYS B 23 -18.93 1.82 4.61
CA CYS B 23 -18.99 0.99 5.81
C CYS B 23 -19.84 -0.23 5.48
N SER B 24 -19.39 -1.39 5.92
CA SER B 24 -20.09 -2.64 5.64
C SER B 24 -20.22 -3.40 6.95
N TRP B 25 -21.35 -4.10 7.10
CA TRP B 25 -21.71 -4.69 8.41
C TRP B 25 -22.75 -5.79 8.22
N ASN B 26 -22.39 -7.01 8.59
CA ASN B 26 -23.35 -8.09 8.70
C ASN B 26 -24.11 -7.90 10.03
N VAL B 27 -25.38 -7.49 9.94
CA VAL B 27 -26.11 -7.12 11.17
C VAL B 27 -26.79 -8.30 11.85
N ASP B 28 -26.96 -9.43 11.17
CA ASP B 28 -27.48 -10.67 11.74
C ASP B 28 -28.84 -10.44 12.41
N GLY B 29 -29.81 -10.00 11.61
CA GLY B 29 -31.07 -9.52 12.16
C GLY B 29 -31.16 -8.00 12.22
N LEU B 30 -31.65 -7.41 11.13
CA LEU B 30 -31.68 -5.97 11.02
C LEU B 30 -32.44 -5.32 12.17
N ARG B 31 -33.59 -5.91 12.55
CA ARG B 31 -34.44 -5.32 13.59
C ARG B 31 -33.81 -5.51 14.97
N ALA B 32 -33.27 -6.69 15.26
CA ALA B 32 -32.52 -6.81 16.50
C ALA B 32 -31.39 -5.79 16.55
N TRP B 33 -30.77 -5.54 15.40
CA TRP B 33 -29.60 -4.67 15.36
C TRP B 33 -30.00 -3.21 15.57
N ILE B 34 -31.10 -2.75 14.94
CA ILE B 34 -31.61 -1.41 15.21
C ILE B 34 -31.91 -1.25 16.70
N LYS B 35 -32.49 -2.28 17.31
CA LYS B 35 -32.88 -2.15 18.72
C LYS B 35 -31.67 -2.23 19.64
N LYS B 36 -30.55 -2.76 19.16
CA LYS B 36 -29.31 -2.77 19.91
C LYS B 36 -28.41 -1.56 19.60
N LYS B 37 -28.99 -0.44 19.18
CA LYS B 37 -28.27 0.83 18.96
C LYS B 37 -27.34 0.83 17.74
N GLY B 38 -27.46 -0.13 16.82
CA GLY B 38 -26.58 -0.15 15.66
C GLY B 38 -26.69 1.10 14.81
N LEU B 39 -27.92 1.56 14.54
CA LEU B 39 -28.12 2.77 13.73
C LEU B 39 -27.53 4.02 14.39
N ASP B 40 -27.51 4.08 15.72
CA ASP B 40 -26.82 5.21 16.35
C ASP B 40 -25.33 5.16 16.02
N TRP B 41 -24.76 3.96 16.00
CA TRP B 41 -23.36 3.85 15.64
C TRP B 41 -23.14 4.32 14.20
N VAL B 42 -23.98 3.84 13.27
CA VAL B 42 -23.87 4.26 11.88
C VAL B 42 -23.98 5.77 11.76
N LYS B 43 -24.92 6.40 12.50
CA LYS B 43 -25.07 7.85 12.45
C LYS B 43 -23.78 8.54 12.87
N GLU B 44 -23.03 7.94 13.81
CA GLU B 44 -21.77 8.53 14.25
C GLU B 44 -20.63 8.29 13.24
N GLU B 45 -20.64 7.17 12.54
CA GLU B 45 -19.61 6.90 11.55
C GLU B 45 -19.84 7.73 10.28
N ALA B 46 -21.09 8.12 10.03
CA ALA B 46 -21.52 8.92 8.89
C ALA B 46 -20.85 8.49 7.58
N PRO B 47 -20.98 7.21 7.19
CA PRO B 47 -20.39 6.77 5.92
C PRO B 47 -21.15 7.34 4.74
N ASP B 48 -20.49 7.40 3.59
CA ASP B 48 -21.17 7.83 2.38
C ASP B 48 -22.09 6.73 1.85
N ILE B 49 -21.71 5.48 2.10
CA ILE B 49 -22.43 4.30 1.64
C ILE B 49 -22.38 3.32 2.80
N LEU B 50 -23.49 2.62 3.02
CA LEU B 50 -23.60 1.58 4.03
C LEU B 50 -24.14 0.32 3.39
N CYS B 51 -23.47 -0.81 3.65
CA CYS B 51 -23.88 -2.13 3.19
C CYS B 51 -24.15 -3.01 4.40
N LEU B 52 -25.34 -3.62 4.42
CA LEU B 52 -25.75 -4.55 5.45
C LEU B 52 -25.89 -5.94 4.86
N GLN B 53 -25.49 -6.95 5.63
CA GLN B 53 -25.73 -8.34 5.25
C GLN B 53 -26.51 -9.06 6.34
N GLU B 54 -27.18 -10.14 5.94
CA GLU B 54 -28.03 -10.96 6.81
C GLU B 54 -29.13 -10.15 7.52
N THR B 55 -29.86 -9.34 6.74
CA THR B 55 -30.87 -8.48 7.34
C THR B 55 -32.00 -9.25 8.01
N LYS B 56 -32.37 -10.43 7.46
CA LYS B 56 -33.40 -11.30 8.05
C LYS B 56 -34.73 -10.55 8.21
N CYS B 57 -35.20 -9.98 7.11
CA CYS B 57 -36.34 -9.07 7.14
C CYS B 57 -36.86 -8.85 5.72
N SER B 58 -38.10 -9.22 5.50
CA SER B 58 -38.74 -8.94 4.22
C SER B 58 -38.91 -7.45 4.05
N GLU B 59 -39.00 -7.00 2.79
CA GLU B 59 -39.19 -5.58 2.53
C GLU B 59 -40.45 -5.05 3.24
N ASN B 60 -41.54 -5.83 3.17
CA ASN B 60 -42.83 -5.47 3.74
C ASN B 60 -42.70 -5.10 5.22
N LYS B 61 -41.68 -5.62 5.90
CA LYS B 61 -41.56 -5.47 7.36
C LYS B 61 -40.40 -4.56 7.78
N LEU B 62 -39.88 -3.71 6.86
CA LEU B 62 -38.68 -2.93 7.17
C LEU B 62 -39.01 -1.79 8.14
N PRO B 63 -38.25 -1.61 9.20
CA PRO B 63 -38.62 -0.61 10.22
C PRO B 63 -38.62 0.79 9.66
N ALA B 64 -39.39 1.67 10.31
CA ALA B 64 -39.53 3.07 9.91
C ALA B 64 -38.31 3.93 10.25
N GLU B 65 -37.41 3.47 11.12
CA GLU B 65 -36.18 4.22 11.35
C GLU B 65 -35.34 4.38 10.09
N LEU B 66 -35.51 3.52 9.09
CA LEU B 66 -34.64 3.55 7.91
C LEU B 66 -34.90 4.78 7.04
N GLN B 67 -36.16 5.20 6.90
CA GLN B 67 -36.46 6.42 6.14
C GLN B 67 -35.68 7.61 6.71
N GLU B 68 -35.77 7.80 8.03
CA GLU B 68 -35.16 8.93 8.71
C GLU B 68 -33.66 8.71 8.99
N LEU B 69 -32.90 8.46 7.92
CA LEU B 69 -31.45 8.68 7.90
C LEU B 69 -31.18 9.43 6.62
N PRO B 70 -31.09 10.76 6.68
CA PRO B 70 -31.06 11.55 5.43
C PRO B 70 -29.68 11.68 4.82
N GLY B 71 -28.62 11.21 5.50
CA GLY B 71 -27.36 11.05 4.80
C GLY B 71 -27.30 9.83 3.91
N LEU B 72 -28.28 8.93 4.03
CA LEU B 72 -28.38 7.68 3.28
C LEU B 72 -29.80 7.50 2.74
N SER B 73 -30.29 8.49 2.00
CA SER B 73 -31.69 8.50 1.61
C SER B 73 -32.02 7.47 0.52
N HIS B 74 -31.03 6.97 -0.22
CA HIS B 74 -31.29 6.06 -1.34
C HIS B 74 -30.97 4.66 -0.88
N GLN B 75 -32.02 3.83 -0.72
CA GLN B 75 -31.93 2.56 -0.04
C GLN B 75 -32.42 1.44 -0.94
N TYR B 76 -31.62 0.38 -1.09
CA TYR B 76 -31.93 -0.76 -1.94
C TYR B 76 -31.88 -2.02 -1.10
N TRP B 77 -32.79 -2.98 -1.36
CA TRP B 77 -32.91 -4.17 -0.55
C TRP B 77 -33.09 -5.39 -1.44
N SER B 78 -32.59 -6.53 -0.97
CA SER B 78 -32.77 -7.78 -1.69
C SER B 78 -33.13 -8.88 -0.70
N ALA B 79 -34.33 -9.42 -0.81
CA ALA B 79 -34.73 -10.53 0.03
C ALA B 79 -34.78 -11.82 -0.78
N PRO B 80 -34.75 -12.99 -0.12
CA PRO B 80 -35.02 -14.24 -0.83
C PRO B 80 -36.46 -14.28 -1.35
N SER B 81 -36.67 -15.08 -2.40
CA SER B 81 -38.00 -15.13 -2.98
C SER B 81 -38.93 -16.03 -2.17
N ASP B 82 -38.42 -17.14 -1.64
CA ASP B 82 -39.24 -18.15 -0.98
C ASP B 82 -38.98 -18.21 0.53
N LYS B 83 -37.74 -18.45 0.95
CA LYS B 83 -37.43 -18.58 2.37
C LYS B 83 -37.53 -17.23 3.06
N GLU B 84 -38.31 -17.16 4.13
CA GLU B 84 -38.54 -15.94 4.90
C GLU B 84 -37.72 -15.92 6.20
N GLY B 85 -37.43 -14.71 6.68
CA GLY B 85 -36.63 -14.53 7.88
C GLY B 85 -35.17 -14.96 7.73
N TYR B 86 -34.62 -14.86 6.52
CA TYR B 86 -33.40 -15.56 6.14
C TYR B 86 -32.63 -14.70 5.17
N SER B 87 -31.29 -14.69 5.33
CA SER B 87 -30.42 -13.90 4.45
C SER B 87 -30.87 -12.44 4.30
N GLY B 88 -30.82 -11.91 3.08
CA GLY B 88 -31.15 -10.50 2.87
C GLY B 88 -30.00 -9.52 2.99
N VAL B 89 -29.79 -8.70 1.94
CA VAL B 89 -28.80 -7.64 1.96
C VAL B 89 -29.44 -6.31 1.58
N GLY B 90 -28.88 -5.22 2.13
CA GLY B 90 -29.30 -3.87 1.78
C GLY B 90 -28.11 -3.00 1.42
N LEU B 91 -28.39 -1.97 0.62
CA LEU B 91 -27.42 -0.95 0.25
C LEU B 91 -28.06 0.42 0.37
N LEU B 92 -27.48 1.29 1.19
CA LEU B 92 -27.92 2.66 1.39
C LEU B 92 -26.77 3.57 0.99
N SER B 93 -27.05 4.59 0.19
CA SER B 93 -26.03 5.49 -0.32
CA SER B 93 -26.03 5.49 -0.32
C SER B 93 -26.51 6.93 -0.19
N ARG B 94 -25.53 7.84 -0.04
CA ARG B 94 -25.83 9.27 0.08
C ARG B 94 -26.36 9.82 -1.24
N GLN B 95 -25.63 9.61 -2.31
CA GLN B 95 -26.05 9.92 -3.66
C GLN B 95 -26.70 8.68 -4.27
N ALA B 96 -27.57 8.90 -5.26
CA ALA B 96 -28.13 7.75 -5.93
C ALA B 96 -27.12 7.17 -6.92
N PRO B 97 -27.06 5.86 -7.05
CA PRO B 97 -26.23 5.25 -8.10
C PRO B 97 -26.81 5.52 -9.48
N LEU B 98 -25.97 5.31 -10.50
CA LEU B 98 -26.45 5.40 -11.87
C LEU B 98 -27.40 4.24 -12.19
N LYS B 99 -27.09 3.05 -11.72
CA LYS B 99 -27.84 1.83 -12.03
C LYS B 99 -27.71 0.89 -10.83
N VAL B 100 -28.76 0.12 -10.57
CA VAL B 100 -28.75 -0.91 -9.52
C VAL B 100 -29.24 -2.24 -10.10
N SER B 101 -28.61 -3.33 -9.68
CA SER B 101 -29.10 -4.65 -10.08
C SER B 101 -28.95 -5.63 -8.90
N TYR B 102 -29.75 -6.72 -8.96
CA TYR B 102 -29.84 -7.72 -7.89
C TYR B 102 -29.42 -9.10 -8.41
N GLY B 103 -28.65 -9.83 -7.60
CA GLY B 103 -28.15 -11.13 -8.00
C GLY B 103 -26.93 -11.02 -8.91
N ILE B 104 -26.48 -12.18 -9.40
CA ILE B 104 -25.26 -12.26 -10.21
C ILE B 104 -25.53 -12.76 -11.62
N GLY B 105 -26.80 -12.87 -12.02
CA GLY B 105 -27.13 -13.28 -13.37
C GLY B 105 -27.30 -14.76 -13.55
N ASP B 106 -27.40 -15.54 -12.48
CA ASP B 106 -27.52 -16.99 -12.57
C ASP B 106 -28.67 -17.41 -11.67
N GLU B 107 -29.65 -18.10 -12.25
CA GLU B 107 -30.90 -18.38 -11.55
C GLU B 107 -30.66 -19.16 -10.28
N GLU B 108 -29.86 -20.22 -10.35
CA GLU B 108 -29.70 -21.06 -9.17
C GLU B 108 -29.12 -20.27 -8.02
N HIS B 109 -28.41 -19.18 -8.30
CA HIS B 109 -27.68 -18.43 -7.29
C HIS B 109 -28.38 -17.15 -6.87
N ASP B 110 -29.48 -16.77 -7.52
CA ASP B 110 -30.13 -15.48 -7.29
C ASP B 110 -31.43 -15.59 -6.50
N GLN B 111 -31.58 -16.57 -5.62
CA GLN B 111 -32.88 -16.74 -4.95
C GLN B 111 -32.85 -16.53 -3.45
N GLU B 112 -31.72 -16.12 -2.86
CA GLU B 112 -31.62 -15.97 -1.40
C GLU B 112 -31.25 -14.55 -0.95
N GLY B 113 -31.51 -13.52 -1.76
CA GLY B 113 -31.21 -12.15 -1.35
C GLY B 113 -29.79 -11.96 -0.86
N ARG B 114 -28.81 -12.20 -1.74
CA ARG B 114 -27.42 -12.15 -1.31
C ARG B 114 -26.55 -11.11 -2.01
N VAL B 115 -26.96 -10.55 -3.15
CA VAL B 115 -26.06 -9.68 -3.90
C VAL B 115 -26.82 -8.45 -4.40
N ILE B 116 -26.28 -7.27 -4.11
CA ILE B 116 -26.69 -6.02 -4.74
C ILE B 116 -25.49 -5.46 -5.49
N VAL B 117 -25.71 -5.02 -6.72
CA VAL B 117 -24.70 -4.38 -7.56
C VAL B 117 -25.10 -2.92 -7.76
N ALA B 118 -24.21 -1.99 -7.44
CA ALA B 118 -24.49 -0.56 -7.57
C ALA B 118 -23.36 0.09 -8.34
N GLU B 119 -23.70 0.69 -9.49
CA GLU B 119 -22.75 1.36 -10.37
C GLU B 119 -22.74 2.84 -10.09
N PHE B 120 -21.54 3.39 -9.87
CA PHE B 120 -21.30 4.82 -9.66
C PHE B 120 -20.42 5.36 -10.79
N ASP B 121 -20.09 6.65 -10.69
CA ASP B 121 -19.28 7.28 -11.73
C ASP B 121 -17.93 6.61 -11.87
N SER B 122 -17.22 6.44 -10.75
CA SER B 122 -15.82 6.01 -10.81
C SER B 122 -15.64 4.50 -10.75
N PHE B 123 -16.62 3.75 -10.23
CA PHE B 123 -16.47 2.33 -9.92
C PHE B 123 -17.84 1.67 -9.70
N VAL B 124 -17.80 0.33 -9.59
CA VAL B 124 -18.95 -0.49 -9.26
C VAL B 124 -18.77 -1.03 -7.85
N LEU B 125 -19.86 -1.05 -7.09
CA LEU B 125 -19.87 -1.61 -5.75
C LEU B 125 -20.72 -2.86 -5.78
N VAL B 126 -20.15 -3.97 -5.34
CA VAL B 126 -20.87 -5.20 -5.11
C VAL B 126 -20.84 -5.44 -3.62
N THR B 127 -22.01 -5.68 -3.02
CA THR B 127 -22.05 -6.19 -1.67
C THR B 127 -22.63 -7.59 -1.70
N ALA B 128 -22.07 -8.46 -0.87
CA ALA B 128 -22.39 -9.86 -0.97
C ALA B 128 -22.51 -10.46 0.43
N TYR B 129 -23.47 -11.38 0.58
CA TYR B 129 -23.56 -12.25 1.74
C TYR B 129 -23.46 -13.66 1.17
N VAL B 130 -22.23 -14.16 1.11
CA VAL B 130 -21.81 -15.42 0.50
C VAL B 130 -22.37 -16.57 1.34
N PRO B 131 -22.76 -17.69 0.73
CA PRO B 131 -23.43 -18.75 1.49
C PRO B 131 -22.43 -19.54 2.34
N ASN B 132 -22.67 -19.51 3.66
CA ASN B 132 -21.95 -20.34 4.62
C ASN B 132 -22.05 -21.82 4.24
N ALA B 133 -20.96 -22.54 4.50
CA ALA B 133 -20.88 -23.93 4.08
C ALA B 133 -21.62 -24.81 5.04
N GLY B 134 -21.90 -24.31 6.22
CA GLY B 134 -22.86 -24.96 7.09
C GLY B 134 -22.20 -25.79 8.16
N ARG B 135 -22.90 -25.91 9.28
CA ARG B 135 -22.56 -26.92 10.25
C ARG B 135 -22.62 -28.28 9.56
N GLY B 136 -21.67 -29.16 9.87
CA GLY B 136 -21.59 -30.43 9.18
C GLY B 136 -21.14 -30.35 7.73
N LEU B 137 -20.86 -29.14 7.21
CA LEU B 137 -20.47 -28.94 5.83
C LEU B 137 -21.61 -29.31 4.88
N VAL B 138 -22.85 -29.22 5.35
CA VAL B 138 -23.98 -29.70 4.55
C VAL B 138 -24.16 -28.89 3.25
N ARG B 139 -23.65 -27.66 3.20
CA ARG B 139 -23.76 -26.81 2.02
C ARG B 139 -22.42 -26.63 1.28
N LEU B 140 -21.39 -27.40 1.63
CA LEU B 140 -20.06 -27.17 1.09
C LEU B 140 -20.02 -27.29 -0.42
N GLU B 141 -20.76 -28.25 -0.99
CA GLU B 141 -20.72 -28.40 -2.44
C GLU B 141 -21.49 -27.29 -3.14
N TYR B 142 -22.58 -26.79 -2.54
CA TYR B 142 -23.26 -25.63 -3.12
C TYR B 142 -22.36 -24.39 -3.06
N ARG B 143 -21.64 -24.21 -1.94
CA ARG B 143 -20.66 -23.13 -1.81
C ARG B 143 -19.67 -23.11 -2.97
N GLN B 144 -19.19 -24.29 -3.37
CA GLN B 144 -18.18 -24.35 -4.42
C GLN B 144 -18.78 -23.96 -5.76
N ARG B 145 -19.99 -24.40 -6.06
CA ARG B 145 -20.70 -23.93 -7.24
C ARG B 145 -20.85 -22.41 -7.21
N TRP B 146 -21.25 -21.86 -6.06
CA TRP B 146 -21.39 -20.42 -5.92
C TRP B 146 -20.06 -19.71 -6.17
N ASP B 147 -18.97 -20.26 -5.65
CA ASP B 147 -17.67 -19.61 -5.75
C ASP B 147 -17.24 -19.44 -7.20
N GLU B 148 -17.32 -20.53 -7.98
CA GLU B 148 -17.07 -20.45 -9.42
C GLU B 148 -17.96 -19.42 -10.12
N ALA B 149 -19.28 -19.50 -9.89
CA ALA B 149 -20.18 -18.55 -10.56
C ALA B 149 -19.90 -17.11 -10.13
N PHE B 150 -19.78 -16.90 -8.82
CA PHE B 150 -19.49 -15.56 -8.31
C PHE B 150 -18.19 -15.03 -8.92
N ARG B 151 -17.14 -15.87 -8.95
CA ARG B 151 -15.87 -15.49 -9.55
C ARG B 151 -16.05 -15.07 -11.02
N LYS B 152 -16.64 -15.95 -11.82
CA LYS B 152 -16.89 -15.61 -13.23
C LYS B 152 -17.66 -14.30 -13.37
N PHE B 153 -18.60 -14.03 -12.47
CA PHE B 153 -19.39 -12.79 -12.56
C PHE B 153 -18.58 -11.55 -12.19
N LEU B 154 -17.77 -11.65 -11.13
CA LEU B 154 -16.95 -10.51 -10.77
C LEU B 154 -15.89 -10.24 -11.84
N LYS B 155 -15.45 -11.28 -12.57
CA LYS B 155 -14.39 -11.06 -13.55
C LYS B 155 -14.92 -10.30 -14.76
N GLY B 156 -16.10 -10.71 -15.25
CA GLY B 156 -16.75 -9.95 -16.32
C GLY B 156 -17.05 -8.53 -15.89
N LEU B 157 -17.43 -8.34 -14.62
CA LEU B 157 -17.73 -6.99 -14.14
C LEU B 157 -16.46 -6.16 -14.06
N ALA B 158 -15.40 -6.71 -13.44
CA ALA B 158 -14.15 -5.97 -13.29
C ALA B 158 -13.57 -5.58 -14.64
N SER B 159 -13.87 -6.33 -15.70
CA SER B 159 -13.33 -5.96 -16.99
C SER B 159 -13.99 -4.71 -17.57
N ARG B 160 -15.09 -4.24 -17.01
CA ARG B 160 -15.79 -3.08 -17.55
C ARG B 160 -15.66 -1.83 -16.70
N LYS B 161 -15.40 -1.95 -15.41
CA LYS B 161 -15.24 -0.79 -14.54
C LYS B 161 -14.45 -1.23 -13.33
N PRO B 162 -13.73 -0.33 -12.66
CA PRO B 162 -13.07 -0.72 -11.40
C PRO B 162 -14.08 -1.16 -10.35
N LEU B 163 -13.72 -2.21 -9.62
CA LEU B 163 -14.64 -2.96 -8.76
C LEU B 163 -14.25 -2.83 -7.28
N VAL B 164 -15.26 -2.72 -6.43
CA VAL B 164 -15.13 -2.80 -4.98
C VAL B 164 -16.10 -3.86 -4.50
N LEU B 165 -15.59 -4.96 -3.96
CA LEU B 165 -16.43 -6.01 -3.41
C LEU B 165 -16.37 -5.94 -1.90
N CYS B 166 -17.52 -5.71 -1.26
CA CYS B 166 -17.53 -5.74 0.20
C CYS B 166 -18.56 -6.73 0.68
N GLY B 167 -18.36 -7.20 1.90
CA GLY B 167 -19.35 -8.02 2.51
C GLY B 167 -18.74 -9.18 3.24
N ASP B 168 -19.62 -10.08 3.65
CA ASP B 168 -19.28 -11.28 4.41
C ASP B 168 -19.06 -12.37 3.38
N LEU B 169 -17.80 -12.71 3.14
CA LEU B 169 -17.43 -13.74 2.20
C LEU B 169 -17.40 -15.13 2.81
N ASN B 170 -17.70 -15.24 4.11
CA ASN B 170 -17.74 -16.51 4.84
C ASN B 170 -16.57 -17.45 4.52
N VAL B 171 -15.36 -16.89 4.55
CA VAL B 171 -14.12 -17.66 4.46
C VAL B 171 -13.01 -16.89 5.16
N ALA B 172 -12.19 -17.61 5.89
CA ALA B 172 -11.00 -17.05 6.52
C ALA B 172 -9.83 -17.49 5.64
N HIS B 173 -9.17 -16.52 4.99
CA HIS B 173 -8.28 -16.84 3.88
C HIS B 173 -7.13 -17.73 4.32
N GLU B 174 -6.44 -17.33 5.38
CA GLU B 174 -5.18 -17.91 5.79
C GLU B 174 -5.18 -18.12 7.28
N GLU B 175 -4.13 -18.79 7.76
CA GLU B 175 -4.10 -19.19 9.17
C GLU B 175 -4.11 -17.98 10.09
N ILE B 176 -3.51 -16.87 9.66
CA ILE B 176 -3.54 -15.66 10.47
C ILE B 176 -4.96 -15.09 10.59
N ASP B 177 -5.89 -15.46 9.72
CA ASP B 177 -7.20 -14.83 9.65
C ASP B 177 -8.24 -15.39 10.66
N LEU B 178 -7.83 -16.24 11.60
CA LEU B 178 -8.72 -16.79 12.64
C LEU B 178 -7.87 -17.25 13.81
N ARG B 179 -8.52 -17.39 14.98
CA ARG B 179 -7.75 -17.65 16.20
C ARG B 179 -7.26 -19.11 16.29
N ASN B 180 -8.07 -20.07 15.83
CA ASN B 180 -7.74 -21.49 15.93
C ASN B 180 -7.75 -22.12 14.54
N PRO B 181 -6.69 -21.92 13.74
CA PRO B 181 -6.66 -22.58 12.42
C PRO B 181 -6.53 -24.09 12.50
N LYS B 182 -5.71 -24.63 13.41
CA LYS B 182 -5.55 -26.07 13.48
C LYS B 182 -6.88 -26.77 13.76
N GLY B 183 -7.61 -26.31 14.76
CA GLY B 183 -8.86 -27.00 15.04
C GLY B 183 -10.03 -26.76 14.11
N ASN B 184 -9.89 -25.95 13.06
CA ASN B 184 -11.03 -25.58 12.23
C ASN B 184 -10.88 -25.96 10.76
N LYS B 185 -9.84 -26.72 10.42
CA LYS B 185 -9.51 -27.01 9.03
C LYS B 185 -10.57 -27.84 8.32
N LYS B 186 -11.53 -28.42 9.04
CA LYS B 186 -12.64 -29.12 8.40
C LYS B 186 -14.00 -28.53 8.77
N ASN B 187 -14.05 -27.27 9.23
CA ASN B 187 -15.29 -26.57 9.54
C ASN B 187 -15.54 -25.45 8.55
N ALA B 188 -16.83 -25.09 8.38
CA ALA B 188 -17.24 -24.06 7.43
C ALA B 188 -16.42 -22.79 7.59
N GLY B 189 -15.93 -22.27 6.47
CA GLY B 189 -15.14 -21.05 6.49
C GLY B 189 -13.65 -21.25 6.60
N PHE B 190 -13.19 -22.47 6.89
CA PHE B 190 -11.76 -22.72 6.80
C PHE B 190 -11.41 -24.06 6.14
N THR B 191 -12.32 -24.68 5.39
CA THR B 191 -11.97 -25.89 4.68
C THR B 191 -11.01 -25.57 3.55
N PRO B 192 -10.30 -26.57 3.01
CA PRO B 192 -9.38 -26.27 1.89
C PRO B 192 -10.08 -25.73 0.64
N GLN B 193 -11.25 -26.27 0.31
CA GLN B 193 -12.00 -25.78 -0.85
C GLN B 193 -12.37 -24.30 -0.69
N GLU B 194 -12.73 -23.88 0.52
CA GLU B 194 -13.16 -22.49 0.67
C GLU B 194 -11.97 -21.54 0.56
N ARG B 195 -10.85 -21.90 1.18
CA ARG B 195 -9.66 -21.06 1.08
C ARG B 195 -9.16 -21.00 -0.34
N GLN B 196 -9.24 -22.12 -1.07
CA GLN B 196 -8.70 -22.12 -2.43
C GLN B 196 -9.60 -21.31 -3.36
N GLY B 197 -10.91 -21.46 -3.23
CA GLY B 197 -11.82 -20.56 -3.94
C GLY B 197 -11.48 -19.10 -3.69
N PHE B 198 -11.19 -18.75 -2.44
CA PHE B 198 -10.84 -17.35 -2.15
C PHE B 198 -9.56 -16.93 -2.87
N GLY B 199 -8.52 -17.76 -2.83
CA GLY B 199 -7.31 -17.45 -3.59
C GLY B 199 -7.55 -17.35 -5.09
N GLU B 200 -8.36 -18.25 -5.63
CA GLU B 200 -8.62 -18.19 -7.07
C GLU B 200 -9.36 -16.91 -7.45
N LEU B 201 -10.28 -16.43 -6.58
CA LEU B 201 -10.95 -15.16 -6.83
C LEU B 201 -9.94 -14.02 -6.93
N LEU B 202 -9.03 -13.92 -5.95
CA LEU B 202 -8.04 -12.84 -5.91
C LEU B 202 -7.21 -12.79 -7.18
N GLN B 203 -6.98 -13.94 -7.81
CA GLN B 203 -6.01 -14.09 -8.88
C GLN B 203 -6.64 -14.03 -10.27
N ALA B 204 -7.88 -14.49 -10.42
CA ALA B 204 -8.56 -14.51 -11.71
C ALA B 204 -9.27 -13.21 -12.04
N VAL B 205 -9.64 -12.42 -11.05
CA VAL B 205 -10.45 -11.24 -11.34
C VAL B 205 -9.58 -10.15 -11.97
N PRO B 206 -8.42 -9.78 -11.36
CA PRO B 206 -7.86 -10.08 -10.03
C PRO B 206 -8.34 -9.06 -9.01
N LEU B 207 -8.21 -9.34 -7.73
CA LEU B 207 -8.54 -8.37 -6.70
C LEU B 207 -7.52 -8.50 -5.58
N ALA B 208 -7.41 -7.43 -4.81
CA ALA B 208 -6.50 -7.35 -3.68
C ALA B 208 -7.30 -7.26 -2.38
N ASP B 209 -6.81 -7.93 -1.34
CA ASP B 209 -7.43 -7.89 -0.02
C ASP B 209 -6.99 -6.61 0.68
N SER B 210 -7.89 -5.62 0.73
CA SER B 210 -7.49 -4.28 1.17
C SER B 210 -6.85 -4.31 2.55
N PHE B 211 -7.42 -5.05 3.49
CA PHE B 211 -6.81 -5.06 4.81
C PHE B 211 -5.39 -5.66 4.79
N ARG B 212 -5.20 -6.78 4.07
CA ARG B 212 -3.92 -7.48 4.09
C ARG B 212 -2.86 -6.73 3.29
N HIS B 213 -3.28 -5.98 2.28
CA HIS B 213 -2.37 -5.16 1.50
C HIS B 213 -1.72 -4.07 2.34
N LEU B 214 -2.40 -3.60 3.41
CA LEU B 214 -1.85 -2.58 4.29
C LEU B 214 -1.21 -3.15 5.55
N TYR B 215 -1.73 -4.27 6.05
CA TYR B 215 -1.27 -4.88 7.31
C TYR B 215 -1.03 -6.37 7.09
N PRO B 216 -0.11 -6.74 6.18
CA PRO B 216 0.02 -8.15 5.81
C PRO B 216 0.42 -9.06 6.94
N ASN B 217 0.97 -8.52 8.04
CA ASN B 217 1.46 -9.36 9.10
C ASN B 217 0.80 -9.06 10.44
N THR B 218 -0.39 -8.43 10.44
CA THR B 218 -1.08 -8.14 11.70
C THR B 218 -1.97 -9.31 12.09
N PRO B 219 -1.66 -10.04 13.15
CA PRO B 219 -2.52 -11.16 13.58
C PRO B 219 -3.60 -10.69 14.55
N TYR B 220 -4.55 -11.60 14.82
CA TYR B 220 -5.62 -11.38 15.80
C TYR B 220 -6.61 -10.30 15.39
N ALA B 221 -6.63 -9.92 14.11
CA ALA B 221 -7.56 -8.93 13.58
C ALA B 221 -8.73 -9.70 12.97
N TYR B 222 -9.81 -9.79 13.75
CA TYR B 222 -11.02 -10.52 13.37
C TYR B 222 -12.21 -9.59 13.21
N THR B 223 -13.25 -10.15 12.59
CA THR B 223 -14.47 -9.42 12.32
C THR B 223 -15.72 -10.17 12.75
N PHE B 224 -15.57 -11.37 13.32
CA PHE B 224 -16.70 -12.19 13.72
C PHE B 224 -16.28 -13.03 14.91
N TRP B 225 -17.23 -13.30 15.80
CA TRP B 225 -17.00 -14.09 16.99
C TRP B 225 -18.31 -14.79 17.33
N THR B 226 -18.26 -16.10 17.61
CA THR B 226 -19.49 -16.79 17.95
C THR B 226 -20.07 -16.26 19.26
N TYR B 227 -21.40 -16.16 19.28
CA TYR B 227 -22.10 -15.74 20.50
C TYR B 227 -21.81 -16.65 21.69
N MET B 228 -21.42 -17.90 21.43
CA MET B 228 -21.17 -18.87 22.48
C MET B 228 -19.80 -18.64 23.11
N MET B 229 -19.67 -19.10 24.35
CA MET B 229 -18.38 -19.27 25.02
C MET B 229 -17.63 -17.95 25.28
N ASN B 230 -18.35 -16.84 25.34
CA ASN B 230 -17.76 -15.51 25.50
C ASN B 230 -16.59 -15.32 24.53
N ALA B 231 -16.78 -15.80 23.30
CA ALA B 231 -15.71 -15.79 22.30
C ALA B 231 -15.22 -14.39 21.96
N ARG B 232 -16.14 -13.42 21.85
CA ARG B 232 -15.76 -12.05 21.53
C ARG B 232 -14.89 -11.45 22.62
N SER B 233 -15.30 -11.58 23.88
CA SER B 233 -14.51 -11.06 24.99
C SER B 233 -13.16 -11.77 25.11
N LYS B 234 -13.02 -12.98 24.55
CA LYS B 234 -11.74 -13.66 24.50
C LYS B 234 -10.97 -13.40 23.19
N ASN B 235 -11.53 -12.59 22.27
CA ASN B 235 -11.01 -12.39 20.91
C ASN B 235 -10.66 -13.71 20.21
N VAL B 236 -11.53 -14.71 20.39
CA VAL B 236 -11.48 -15.95 19.61
C VAL B 236 -12.41 -15.73 18.41
N GLY B 237 -11.83 -15.33 17.27
CA GLY B 237 -12.61 -14.84 16.16
C GLY B 237 -12.05 -15.27 14.82
N TRP B 238 -12.76 -14.85 13.77
CA TRP B 238 -12.43 -15.07 12.37
C TRP B 238 -12.57 -13.74 11.63
N ARG B 239 -11.65 -13.46 10.69
CA ARG B 239 -11.81 -12.37 9.72
C ARG B 239 -12.61 -12.91 8.54
N LEU B 240 -13.88 -12.49 8.43
CA LEU B 240 -14.80 -12.97 7.39
C LEU B 240 -15.33 -11.86 6.51
N ASP B 241 -15.16 -10.60 6.91
CA ASP B 241 -15.75 -9.47 6.22
C ASP B 241 -14.65 -8.65 5.55
N TYR B 242 -14.71 -8.51 4.23
CA TYR B 242 -13.60 -7.95 3.48
C TYR B 242 -14.00 -6.71 2.68
N PHE B 243 -12.98 -5.97 2.29
CA PHE B 243 -13.02 -5.11 1.12
C PHE B 243 -11.97 -5.62 0.13
N LEU B 244 -12.42 -6.10 -1.03
CA LEU B 244 -11.52 -6.47 -2.12
C LEU B 244 -11.66 -5.47 -3.25
N LEU B 245 -10.51 -5.01 -3.80
CA LEU B 245 -10.46 -3.95 -4.81
C LEU B 245 -9.77 -4.41 -6.08
N SER B 246 -10.22 -3.86 -7.20
CA SER B 246 -9.43 -3.90 -8.42
C SER B 246 -8.03 -3.35 -8.16
N HIS B 247 -7.02 -3.95 -8.81
CA HIS B 247 -5.67 -3.41 -8.66
C HIS B 247 -5.61 -1.94 -9.11
N SER B 248 -6.44 -1.55 -10.08
CA SER B 248 -6.50 -0.15 -10.49
C SER B 248 -6.99 0.81 -9.40
N LEU B 249 -7.61 0.32 -8.32
CA LEU B 249 -8.02 1.18 -7.22
C LEU B 249 -7.05 1.16 -6.05
N LEU B 250 -6.05 0.27 -6.06
CA LEU B 250 -5.00 0.32 -5.05
C LEU B 250 -4.35 1.69 -4.90
N PRO B 251 -4.15 2.50 -5.95
CA PRO B 251 -3.64 3.86 -5.72
C PRO B 251 -4.68 4.80 -5.09
N ALA B 252 -5.94 4.37 -4.90
CA ALA B 252 -6.93 5.16 -4.19
C ALA B 252 -7.13 4.72 -2.76
N LEU B 253 -6.59 3.57 -2.38
CA LEU B 253 -6.82 3.01 -1.06
C LEU B 253 -6.14 3.90 -0.02
N CYS B 254 -6.93 4.43 0.92
CA CYS B 254 -6.40 5.18 2.04
C CYS B 254 -6.30 4.32 3.29
N ASP B 255 -7.34 3.55 3.59
CA ASP B 255 -7.26 2.68 4.74
C ASP B 255 -8.41 1.69 4.68
N SER B 256 -8.24 0.60 5.42
CA SER B 256 -9.24 -0.46 5.57
C SER B 256 -9.25 -0.79 7.05
N LYS B 257 -10.40 -0.62 7.70
CA LYS B 257 -10.54 -0.63 9.14
C LYS B 257 -11.40 -1.80 9.62
N ILE B 258 -11.16 -2.19 10.87
CA ILE B 258 -12.00 -3.11 11.60
C ILE B 258 -12.49 -2.38 12.85
N ARG B 259 -13.75 -1.94 12.83
CA ARG B 259 -14.39 -1.23 13.96
C ARG B 259 -14.75 -2.23 15.06
N SER B 260 -13.70 -2.73 15.74
CA SER B 260 -13.80 -3.88 16.63
C SER B 260 -14.83 -3.68 17.75
N LYS B 261 -14.97 -2.45 18.27
CA LYS B 261 -15.73 -2.20 19.50
C LYS B 261 -17.22 -1.94 19.26
N ALA B 262 -17.68 -1.92 18.01
CA ALA B 262 -19.09 -1.59 17.74
C ALA B 262 -19.92 -2.85 17.88
N LEU B 263 -20.85 -2.85 18.86
CA LEU B 263 -21.71 -3.99 19.19
C LEU B 263 -22.99 -3.99 18.36
N GLY B 264 -23.78 -5.07 18.50
CA GLY B 264 -25.06 -5.18 17.83
C GLY B 264 -25.23 -6.46 17.03
N SER B 265 -24.15 -7.21 16.89
CA SER B 265 -24.16 -8.37 16.03
C SER B 265 -23.04 -9.28 16.50
N ASP B 266 -23.00 -10.49 15.93
CA ASP B 266 -21.79 -11.28 16.08
C ASP B 266 -20.74 -10.92 15.01
N HIS B 267 -21.05 -9.95 14.16
CA HIS B 267 -20.09 -9.30 13.29
C HIS B 267 -19.89 -7.86 13.75
N CYS B 268 -18.67 -7.34 13.53
CA CYS B 268 -18.45 -5.92 13.70
C CYS B 268 -18.39 -5.25 12.34
N PRO B 269 -18.55 -3.93 12.28
CA PRO B 269 -18.40 -3.23 11.00
C PRO B 269 -16.95 -3.23 10.52
N ILE B 270 -16.78 -3.06 9.20
CA ILE B 270 -15.51 -2.67 8.57
C ILE B 270 -15.77 -1.39 7.77
N THR B 271 -14.71 -0.58 7.61
CA THR B 271 -14.81 0.71 6.94
C THR B 271 -13.64 0.89 6.00
N LEU B 272 -13.95 1.33 4.77
CA LEU B 272 -12.97 1.56 3.72
C LEU B 272 -12.96 3.05 3.35
N TYR B 273 -11.77 3.63 3.30
CA TYR B 273 -11.55 5.00 2.83
C TYR B 273 -10.89 4.97 1.45
N LEU B 274 -11.50 5.65 0.48
CA LEU B 274 -10.92 5.76 -0.85
C LEU B 274 -10.85 7.23 -1.25
N ALA B 275 -9.77 7.59 -1.93
CA ALA B 275 -9.60 8.94 -2.47
C ALA B 275 -9.95 8.85 -3.94
N LEU B 276 -11.19 9.18 -4.26
CA LEU B 276 -11.67 9.00 -5.63
C LEU B 276 -11.83 10.31 -6.39
#